data_7EES
#
_entry.id   7EES
#
_entity_poly.entity_id   1
_entity_poly.type   'polypeptide(L)'
_entity_poly.pdbx_seq_one_letter_code
;GTIDPQNSEEHPVLSRRLEN
;
_entity_poly.pdbx_strand_id   A
#
# COMPACT_ATOMS: atom_id res chain seq x y z
N GLY A 1 -4.49 -2.35 -0.23
CA GLY A 1 -5.60 -1.55 -0.72
C GLY A 1 -5.91 -0.39 0.20
N THR A 2 -6.24 0.76 -0.40
CA THR A 2 -6.56 1.96 0.37
C THR A 2 -5.31 2.53 1.04
N ILE A 3 -4.37 2.98 0.22
CA ILE A 3 -3.13 3.56 0.74
C ILE A 3 -2.40 4.34 -0.36
N ASP A 4 -1.34 5.04 0.03
CA ASP A 4 -0.55 5.82 -0.90
C ASP A 4 0.42 4.93 -1.67
N PRO A 5 1.09 5.51 -2.68
CA PRO A 5 2.05 4.78 -3.50
C PRO A 5 3.33 4.41 -2.74
N GLN A 6 3.17 3.56 -1.73
CA GLN A 6 4.30 3.14 -0.91
C GLN A 6 4.31 1.61 -0.76
N ASN A 7 5.06 1.14 0.22
CA ASN A 7 5.17 -0.30 0.48
C ASN A 7 4.35 -0.69 1.70
N SER A 8 3.47 -1.67 1.53
CA SER A 8 2.62 -2.14 2.61
C SER A 8 1.64 -3.21 2.12
N GLU A 9 0.85 -2.87 1.11
CA GLU A 9 -0.12 -3.80 0.55
C GLU A 9 0.57 -5.05 0.02
N GLU A 10 0.80 -6.01 0.91
CA GLU A 10 1.46 -7.25 0.53
C GLU A 10 0.63 -8.01 -0.50
N HIS A 11 -0.65 -7.66 -0.60
CA HIS A 11 -1.54 -8.30 -1.55
C HIS A 11 -0.91 -8.40 -2.94
N PRO A 12 -1.47 -9.26 -3.79
CA PRO A 12 -0.97 -9.47 -5.15
C PRO A 12 -1.23 -8.27 -6.05
N VAL A 13 -0.67 -7.12 -5.66
CA VAL A 13 -0.85 -5.89 -6.43
C VAL A 13 0.21 -4.86 -6.07
N LEU A 14 0.15 -3.70 -6.71
CA LEU A 14 1.10 -2.62 -6.44
C LEU A 14 1.06 -2.20 -4.98
N SER A 15 2.14 -2.47 -4.26
CA SER A 15 2.22 -2.12 -2.85
C SER A 15 1.81 -0.68 -2.62
N ARG A 16 1.26 -0.40 -1.44
CA ARG A 16 0.82 0.95 -1.10
C ARG A 16 0.71 1.12 0.42
N ARG A 17 1.03 2.32 0.89
CA ARG A 17 0.96 2.61 2.32
C ARG A 17 0.53 4.06 2.56
N LEU A 18 -0.25 4.26 3.61
CA LEU A 18 -0.74 5.59 3.96
C LEU A 18 -0.84 5.76 5.47
N GLU A 19 -0.60 6.99 5.94
CA GLU A 19 -0.67 7.28 7.37
C GLU A 19 -0.85 8.77 7.60
N ASN A 20 -0.86 9.17 8.87
CA ASN A 20 -1.03 10.57 9.24
C ASN A 20 0.10 11.42 8.66
N GLY A 1 -4.17 -1.02 -1.77
CA GLY A 1 -5.35 -0.45 -1.15
C GLY A 1 -5.30 1.07 -1.11
N THR A 2 -6.32 1.67 -0.50
CA THR A 2 -6.39 3.12 -0.39
C THR A 2 -5.02 3.72 -0.04
N ILE A 3 -4.27 3.01 0.79
CA ILE A 3 -2.94 3.46 1.20
C ILE A 3 -2.20 4.11 0.04
N ASP A 4 -1.39 5.12 0.35
CA ASP A 4 -0.62 5.82 -0.65
C ASP A 4 0.43 4.90 -1.28
N PRO A 5 0.98 5.32 -2.43
CA PRO A 5 2.00 4.56 -3.15
C PRO A 5 3.33 4.52 -2.41
N GLN A 6 3.63 3.39 -1.78
CA GLN A 6 4.87 3.23 -1.03
C GLN A 6 5.25 1.76 -0.91
N ASN A 7 4.61 1.06 0.02
CA ASN A 7 4.88 -0.35 0.24
C ASN A 7 4.14 -0.86 1.47
N SER A 8 3.27 -1.84 1.27
CA SER A 8 2.48 -2.41 2.36
C SER A 8 1.47 -3.42 1.83
N GLU A 9 0.67 -3.00 0.87
CA GLU A 9 -0.35 -3.86 0.29
C GLU A 9 0.29 -5.06 -0.41
N GLU A 10 0.60 -6.09 0.36
CA GLU A 10 1.21 -7.30 -0.17
C GLU A 10 0.15 -8.25 -0.73
N HIS A 11 -1.05 -8.18 -0.17
CA HIS A 11 -2.15 -9.03 -0.62
C HIS A 11 -2.32 -8.95 -2.13
N PRO A 12 -2.64 -7.75 -2.63
CA PRO A 12 -2.84 -7.51 -4.06
C PRO A 12 -1.53 -7.60 -4.85
N VAL A 13 -1.56 -7.11 -6.09
CA VAL A 13 -0.38 -7.14 -6.94
C VAL A 13 0.41 -5.85 -6.83
N LEU A 14 -0.17 -4.86 -6.15
CA LEU A 14 0.48 -3.57 -5.97
C LEU A 14 0.63 -3.24 -4.49
N SER A 15 1.69 -2.51 -4.15
CA SER A 15 1.95 -2.13 -2.77
C SER A 15 1.51 -0.70 -2.51
N ARG A 16 1.32 -0.36 -1.24
CA ARG A 16 0.90 0.98 -0.85
C ARG A 16 0.84 1.12 0.67
N ARG A 17 1.24 2.28 1.17
CA ARG A 17 1.23 2.54 2.60
C ARG A 17 0.69 3.94 2.91
N LEU A 18 0.09 4.09 4.08
CA LEU A 18 -0.47 5.37 4.47
C LEU A 18 -0.57 5.48 6.00
N GLU A 19 -0.39 6.68 6.52
CA GLU A 19 -0.45 6.91 7.96
C GLU A 19 -1.21 8.21 8.27
N ASN A 20 -1.19 8.59 9.55
CA ASN A 20 -1.89 9.80 9.97
C ASN A 20 -1.32 11.03 9.28
N GLY A 1 -4.36 -1.88 -1.13
CA GLY A 1 -5.59 -1.43 -0.51
C GLY A 1 -5.63 0.07 -0.27
N THR A 2 -6.38 0.49 0.74
CA THR A 2 -6.49 1.90 1.06
C THR A 2 -5.17 2.45 1.61
N ILE A 3 -4.24 2.76 0.71
CA ILE A 3 -2.94 3.29 1.09
C ILE A 3 -2.28 4.02 -0.07
N ASP A 4 -1.22 4.76 0.24
CA ASP A 4 -0.49 5.51 -0.79
C ASP A 4 0.50 4.61 -1.51
N PRO A 5 1.00 5.08 -2.66
CA PRO A 5 1.96 4.33 -3.48
C PRO A 5 3.33 4.23 -2.81
N GLN A 6 3.45 3.31 -1.86
CA GLN A 6 4.70 3.11 -1.14
C GLN A 6 5.03 1.63 -1.02
N ASN A 7 4.47 0.99 0.01
CA ASN A 7 4.70 -0.43 0.24
C ASN A 7 4.13 -0.86 1.60
N SER A 8 3.21 -1.81 1.57
CA SER A 8 2.58 -2.31 2.78
C SER A 8 1.51 -3.34 2.47
N GLU A 9 0.61 -2.99 1.55
CA GLU A 9 -0.46 -3.90 1.16
C GLU A 9 0.05 -5.31 0.97
N GLU A 10 1.21 -5.44 0.31
CA GLU A 10 1.81 -6.74 0.08
C GLU A 10 0.89 -7.61 -0.79
N HIS A 11 -0.12 -6.98 -1.38
CA HIS A 11 -1.06 -7.70 -2.22
C HIS A 11 -0.41 -8.12 -3.54
N PRO A 12 -1.01 -9.10 -4.21
CA PRO A 12 -0.51 -9.62 -5.49
C PRO A 12 -0.67 -8.61 -6.62
N VAL A 13 -1.29 -7.48 -6.32
CA VAL A 13 -1.51 -6.44 -7.31
C VAL A 13 -0.46 -5.34 -7.19
N LEU A 14 -0.22 -4.88 -5.97
CA LEU A 14 0.76 -3.83 -5.72
C LEU A 14 0.78 -3.45 -4.24
N SER A 15 1.95 -3.04 -3.77
CA SER A 15 2.11 -2.64 -2.37
C SER A 15 1.88 -1.14 -2.20
N ARG A 16 1.15 -0.78 -1.14
CA ARG A 16 0.86 0.63 -0.87
C ARG A 16 0.85 0.90 0.64
N ARG A 17 1.27 2.10 1.01
CA ARG A 17 1.30 2.48 2.42
C ARG A 17 0.87 3.94 2.60
N LEU A 18 0.13 4.20 3.67
CA LEU A 18 -0.33 5.55 3.96
C LEU A 18 -0.20 5.87 5.45
N GLU A 19 -0.04 7.15 5.77
CA GLU A 19 0.10 7.58 7.15
C GLU A 19 -0.30 9.05 7.30
N ASN A 20 -0.29 9.53 8.53
CA ASN A 20 -0.65 10.92 8.82
C ASN A 20 0.21 11.88 8.02
N GLY A 1 -3.95 -1.35 -0.84
CA GLY A 1 -4.84 -0.66 -1.76
C GLY A 1 -4.90 0.83 -1.49
N THR A 2 -5.99 1.28 -0.89
CA THR A 2 -6.18 2.70 -0.58
C THR A 2 -4.84 3.34 -0.20
N ILE A 3 -4.10 2.69 0.68
CA ILE A 3 -2.81 3.21 1.12
C ILE A 3 -2.04 3.84 -0.04
N ASP A 4 -1.19 4.81 0.27
CA ASP A 4 -0.39 5.48 -0.74
C ASP A 4 0.71 4.57 -1.27
N PRO A 5 1.33 4.98 -2.38
CA PRO A 5 2.41 4.21 -3.01
C PRO A 5 3.68 4.21 -2.17
N GLN A 6 3.70 3.39 -1.12
CA GLN A 6 4.85 3.30 -0.24
C GLN A 6 5.19 1.85 0.06
N ASN A 7 4.43 0.93 -0.52
CA ASN A 7 4.64 -0.50 -0.31
C ASN A 7 4.23 -0.91 1.10
N SER A 8 3.35 -1.90 1.18
CA SER A 8 2.87 -2.38 2.48
C SER A 8 1.69 -3.34 2.29
N GLU A 9 0.79 -2.98 1.39
CA GLU A 9 -0.38 -3.81 1.11
C GLU A 9 0.00 -5.29 1.07
N GLU A 10 1.13 -5.58 0.46
CA GLU A 10 1.60 -6.96 0.35
C GLU A 10 0.61 -7.82 -0.43
N HIS A 11 -0.34 -7.16 -1.09
CA HIS A 11 -1.35 -7.85 -1.87
C HIS A 11 -0.79 -8.28 -3.23
N PRO A 12 -1.48 -9.22 -3.88
CA PRO A 12 -1.09 -9.73 -5.19
C PRO A 12 -1.26 -8.70 -6.30
N VAL A 13 -1.88 -7.57 -5.96
CA VAL A 13 -2.11 -6.50 -6.92
C VAL A 13 -0.97 -5.49 -6.90
N LEU A 14 -0.75 -4.88 -5.75
CA LEU A 14 0.31 -3.89 -5.58
C LEU A 14 0.64 -3.68 -4.11
N SER A 15 1.65 -2.84 -3.86
CA SER A 15 2.07 -2.55 -2.49
C SER A 15 1.93 -1.07 -2.18
N ARG A 16 1.16 -0.74 -1.15
CA ARG A 16 0.94 0.64 -0.76
C ARG A 16 0.97 0.78 0.76
N ARG A 17 1.30 1.99 1.23
CA ARG A 17 1.37 2.25 2.66
C ARG A 17 0.84 3.65 2.98
N LEU A 18 0.20 3.78 4.13
CA LEU A 18 -0.37 5.06 4.55
C LEU A 18 -0.64 5.06 6.06
N GLU A 19 -0.37 6.19 6.70
CA GLU A 19 -0.58 6.33 8.13
C GLU A 19 -1.15 7.70 8.47
N ASN A 20 -1.41 7.93 9.76
CA ASN A 20 -1.95 9.21 10.21
C ASN A 20 -3.25 9.53 9.48
N GLY A 1 -4.28 -1.65 -0.85
CA GLY A 1 -5.56 -1.63 -0.16
C GLY A 1 -5.72 -0.39 0.70
N THR A 2 -6.16 0.70 0.09
CA THR A 2 -6.36 1.95 0.82
C THR A 2 -5.05 2.47 1.39
N ILE A 3 -4.10 2.76 0.52
CA ILE A 3 -2.80 3.27 0.94
C ILE A 3 -2.04 3.90 -0.23
N ASP A 4 -1.16 4.84 0.08
CA ASP A 4 -0.37 5.51 -0.93
C ASP A 4 0.67 4.57 -1.53
N PRO A 5 1.25 4.96 -2.68
CA PRO A 5 2.26 4.17 -3.37
C PRO A 5 3.58 4.11 -2.61
N GLN A 6 3.86 2.97 -1.97
CA GLN A 6 5.08 2.80 -1.21
C GLN A 6 5.39 1.33 -1.01
N ASN A 7 4.75 0.72 -0.02
CA ASN A 7 4.96 -0.70 0.27
C ASN A 7 4.23 -1.10 1.54
N SER A 8 3.30 -2.05 1.41
CA SER A 8 2.53 -2.52 2.55
C SER A 8 1.49 -3.56 2.12
N GLU A 9 0.80 -3.26 1.02
CA GLU A 9 -0.22 -4.16 0.50
C GLU A 9 0.40 -5.46 -0.02
N GLU A 10 0.70 -6.37 0.89
CA GLU A 10 1.30 -7.65 0.53
C GLU A 10 0.47 -8.36 -0.54
N HIS A 11 -0.82 -8.07 -0.55
CA HIS A 11 -1.72 -8.68 -1.53
C HIS A 11 -1.15 -8.60 -2.94
N PRO A 12 -1.71 -9.39 -3.86
CA PRO A 12 -1.27 -9.42 -5.26
C PRO A 12 -1.62 -8.13 -6.00
N VAL A 13 -0.89 -7.06 -5.70
CA VAL A 13 -1.13 -5.78 -6.34
C VAL A 13 -0.07 -4.76 -5.94
N LEU A 14 0.03 -3.67 -6.71
CA LEU A 14 1.00 -2.62 -6.43
C LEU A 14 1.00 -2.27 -4.95
N SER A 15 2.06 -2.69 -4.25
CA SER A 15 2.18 -2.41 -2.82
C SER A 15 1.93 -0.94 -2.53
N ARG A 16 1.26 -0.67 -1.41
CA ARG A 16 0.95 0.70 -1.02
C ARG A 16 0.89 0.83 0.50
N ARG A 17 1.31 1.99 1.01
CA ARG A 17 1.30 2.23 2.45
C ARG A 17 0.82 3.65 2.75
N LEU A 18 0.21 3.82 3.92
CA LEU A 18 -0.30 5.12 4.33
C LEU A 18 -0.68 5.12 5.81
N GLU A 19 -0.24 6.14 6.53
CA GLU A 19 -0.53 6.25 7.95
C GLU A 19 -1.14 7.62 8.27
N ASN A 20 -0.59 8.66 7.66
CA ASN A 20 -1.08 10.01 7.88
C ASN A 20 -0.86 10.88 6.64
N GLY A 1 -3.41 -1.20 -1.95
CA GLY A 1 -4.71 -0.72 -1.51
C GLY A 1 -4.77 0.79 -1.44
N THR A 2 -5.82 1.30 -0.81
CA THR A 2 -6.00 2.75 -0.67
C THR A 2 -4.69 3.44 -0.34
N ILE A 3 -3.85 2.76 0.44
CA ILE A 3 -2.55 3.32 0.82
C ILE A 3 -1.87 4.00 -0.36
N ASP A 4 -1.04 4.98 -0.06
CA ASP A 4 -0.31 5.72 -1.10
C ASP A 4 0.82 4.88 -1.68
N PRO A 5 1.40 5.35 -2.79
CA PRO A 5 2.50 4.66 -3.47
C PRO A 5 3.78 4.70 -2.67
N GLN A 6 3.91 3.80 -1.69
CA GLN A 6 5.10 3.74 -0.85
C GLN A 6 5.46 2.29 -0.53
N ASN A 7 4.76 1.35 -1.17
CA ASN A 7 5.01 -0.07 -0.95
C ASN A 7 4.62 -0.47 0.47
N SER A 8 3.78 -1.50 0.58
CA SER A 8 3.32 -1.98 1.88
C SER A 8 2.16 -2.95 1.71
N GLU A 9 1.43 -2.82 0.61
CA GLU A 9 0.29 -3.68 0.34
C GLU A 9 0.74 -5.12 0.10
N GLU A 10 1.03 -5.83 1.19
CA GLU A 10 1.47 -7.21 1.10
C GLU A 10 0.56 -8.01 0.18
N HIS A 11 -0.72 -7.67 0.17
CA HIS A 11 -1.70 -8.36 -0.65
C HIS A 11 -1.21 -8.45 -2.10
N PRO A 12 -1.82 -9.36 -2.87
CA PRO A 12 -1.47 -9.57 -4.28
C PRO A 12 -1.87 -8.40 -5.16
N VAL A 13 -1.37 -7.22 -4.83
CA VAL A 13 -1.68 -6.01 -5.60
C VAL A 13 -0.54 -5.01 -5.53
N LEU A 14 -0.79 -3.80 -6.02
CA LEU A 14 0.22 -2.76 -6.02
C LEU A 14 0.65 -2.41 -4.60
N SER A 15 1.95 -2.45 -4.35
CA SER A 15 2.48 -2.15 -3.03
C SER A 15 2.31 -0.67 -2.69
N ARG A 16 1.50 -0.39 -1.68
CA ARG A 16 1.25 0.98 -1.26
C ARG A 16 1.32 1.11 0.25
N ARG A 17 1.68 2.31 0.72
CA ARG A 17 1.78 2.56 2.16
C ARG A 17 1.17 3.91 2.52
N LEU A 18 0.55 3.97 3.69
CA LEU A 18 -0.08 5.21 4.16
C LEU A 18 -0.39 5.13 5.65
N GLU A 19 -0.14 6.22 6.35
CA GLU A 19 -0.39 6.28 7.80
C GLU A 19 -1.26 7.48 8.15
N ASN A 20 -1.38 7.76 9.44
CA ASN A 20 -2.18 8.89 9.91
C ASN A 20 -1.74 10.18 9.23
N GLY A 1 -3.47 -0.83 -1.82
CA GLY A 1 -4.75 -0.23 -1.50
C GLY A 1 -4.70 1.29 -1.57
N THR A 2 -5.74 1.93 -1.05
CA THR A 2 -5.82 3.39 -1.06
C THR A 2 -4.47 4.01 -0.75
N ILE A 3 -3.71 3.37 0.14
CA ILE A 3 -2.40 3.88 0.52
C ILE A 3 -1.62 4.37 -0.69
N ASP A 4 -0.74 5.33 -0.47
CA ASP A 4 0.08 5.89 -1.54
C ASP A 4 1.15 4.91 -1.99
N PRO A 5 1.78 5.18 -3.14
CA PRO A 5 2.83 4.34 -3.70
C PRO A 5 4.12 4.40 -2.88
N GLN A 6 4.19 3.58 -1.83
CA GLN A 6 5.36 3.54 -0.97
C GLN A 6 5.62 2.13 -0.45
N ASN A 7 4.88 1.16 -0.99
CA ASN A 7 5.02 -0.23 -0.58
C ASN A 7 4.51 -0.43 0.85
N SER A 8 3.62 -1.39 1.03
CA SER A 8 3.06 -1.67 2.34
C SER A 8 1.83 -2.58 2.23
N GLU A 9 1.16 -2.51 1.08
CA GLU A 9 -0.03 -3.32 0.84
C GLU A 9 0.33 -4.81 0.76
N GLU A 10 0.51 -5.42 1.92
CA GLU A 10 0.85 -6.84 1.98
C GLU A 10 -0.03 -7.66 1.05
N HIS A 11 -1.30 -7.25 0.94
CA HIS A 11 -2.25 -7.94 0.10
C HIS A 11 -1.69 -8.13 -1.32
N PRO A 12 -2.30 -9.05 -2.09
CA PRO A 12 -1.88 -9.33 -3.46
C PRO A 12 -2.19 -8.19 -4.41
N VAL A 13 -1.54 -7.05 -4.19
CA VAL A 13 -1.75 -5.87 -5.03
C VAL A 13 -0.53 -4.97 -5.00
N LEU A 14 -0.63 -3.84 -5.71
CA LEU A 14 0.47 -2.88 -5.77
C LEU A 14 0.82 -2.38 -4.36
N SER A 15 1.99 -2.79 -3.88
CA SER A 15 2.45 -2.38 -2.55
C SER A 15 2.37 -0.87 -2.39
N ARG A 16 1.54 -0.42 -1.46
CA ARG A 16 1.38 1.01 -1.20
C ARG A 16 1.33 1.29 0.29
N ARG A 17 1.75 2.49 0.68
CA ARG A 17 1.75 2.88 2.08
C ARG A 17 1.24 4.31 2.25
N LEU A 18 0.65 4.60 3.41
CA LEU A 18 0.12 5.92 3.69
C LEU A 18 -0.13 6.10 5.19
N GLU A 19 -0.55 5.02 5.84
CA GLU A 19 -0.82 5.07 7.28
C GLU A 19 -1.17 3.68 7.79
N ASN A 20 -0.36 3.18 8.73
CA ASN A 20 -0.59 1.87 9.32
C ASN A 20 -0.65 0.80 8.23
N GLY A 1 -3.64 -1.29 -1.69
CA GLY A 1 -4.86 -0.73 -1.16
C GLY A 1 -4.96 0.78 -1.38
N THR A 2 -6.04 1.39 -0.91
CA THR A 2 -6.23 2.82 -1.06
C THR A 2 -4.96 3.59 -0.73
N ILE A 3 -4.17 3.05 0.20
CA ILE A 3 -2.92 3.69 0.60
C ILE A 3 -2.19 4.26 -0.60
N ASP A 4 -1.38 5.28 -0.36
CA ASP A 4 -0.62 5.93 -1.42
C ASP A 4 0.36 4.95 -2.05
N PRO A 5 0.98 5.37 -3.17
CA PRO A 5 1.94 4.54 -3.90
C PRO A 5 3.26 4.36 -3.13
N GLN A 6 3.16 3.78 -1.93
CA GLN A 6 4.33 3.54 -1.11
C GLN A 6 4.52 2.06 -0.84
N ASN A 7 5.31 1.74 0.18
CA ASN A 7 5.57 0.35 0.55
C ASN A 7 4.77 -0.06 1.77
N SER A 8 3.98 -1.12 1.63
CA SER A 8 3.16 -1.62 2.74
C SER A 8 2.24 -2.73 2.26
N GLU A 9 1.35 -2.41 1.33
CA GLU A 9 0.40 -3.39 0.79
C GLU A 9 1.15 -4.61 0.26
N GLU A 10 1.40 -5.57 1.14
CA GLU A 10 2.10 -6.79 0.75
C GLU A 10 1.25 -7.63 -0.20
N HIS A 11 -0.01 -7.22 -0.37
CA HIS A 11 -0.92 -7.93 -1.25
C HIS A 11 -0.25 -8.24 -2.60
N PRO A 12 -0.82 -9.22 -3.32
CA PRO A 12 -0.29 -9.64 -4.63
C PRO A 12 -0.49 -8.57 -5.71
N VAL A 13 -1.26 -7.54 -5.38
CA VAL A 13 -1.52 -6.45 -6.31
C VAL A 13 -0.33 -5.52 -6.42
N LEU A 14 -0.05 -4.78 -5.34
CA LEU A 14 1.07 -3.85 -5.31
C LEU A 14 1.25 -3.26 -3.92
N SER A 15 2.42 -2.66 -3.69
CA SER A 15 2.73 -2.06 -2.40
C SER A 15 2.20 -0.63 -2.33
N ARG A 16 1.68 -0.25 -1.17
CA ARG A 16 1.15 1.09 -0.98
C ARG A 16 1.01 1.42 0.51
N ARG A 17 1.24 2.68 0.86
CA ARG A 17 1.15 3.12 2.24
C ARG A 17 0.64 4.56 2.33
N LEU A 18 -0.15 4.84 3.36
CA LEU A 18 -0.71 6.18 3.55
C LEU A 18 -0.77 6.53 5.04
N GLU A 19 -1.10 5.53 5.86
CA GLU A 19 -1.19 5.74 7.30
C GLU A 19 0.15 6.20 7.87
N ASN A 20 0.15 6.49 9.17
CA ASN A 20 1.37 6.95 9.85
C ASN A 20 2.35 5.79 10.03
N GLY A 1 -3.80 -1.31 -1.79
CA GLY A 1 -4.98 -0.80 -1.13
C GLY A 1 -5.04 0.72 -1.15
N THR A 2 -6.08 1.28 -0.54
CA THR A 2 -6.25 2.72 -0.49
C THR A 2 -4.95 3.42 -0.13
N ILE A 3 -4.10 2.72 0.62
CA ILE A 3 -2.82 3.27 1.05
C ILE A 3 -2.13 3.99 -0.11
N ASP A 4 -1.15 4.83 0.21
CA ASP A 4 -0.41 5.58 -0.80
C ASP A 4 0.52 4.64 -1.57
N PRO A 5 1.12 5.17 -2.66
CA PRO A 5 2.05 4.42 -3.49
C PRO A 5 3.36 4.11 -2.79
N GLN A 6 3.29 3.36 -1.69
CA GLN A 6 4.48 3.01 -0.93
C GLN A 6 4.63 1.50 -0.84
N ASN A 7 5.34 1.05 0.20
CA ASN A 7 5.56 -0.38 0.40
C ASN A 7 4.73 -0.91 1.57
N SER A 8 3.93 -1.92 1.30
CA SER A 8 3.08 -2.51 2.34
C SER A 8 2.11 -3.54 1.73
N GLU A 9 1.18 -3.05 0.93
CA GLU A 9 0.20 -3.92 0.28
C GLU A 9 0.89 -5.09 -0.42
N GLU A 10 1.15 -6.15 0.34
CA GLU A 10 1.81 -7.33 -0.21
C GLU A 10 0.87 -8.11 -1.13
N HIS A 11 -0.40 -7.72 -1.13
CA HIS A 11 -1.41 -8.37 -1.95
C HIS A 11 -0.95 -8.46 -3.40
N PRO A 12 -1.55 -9.39 -4.16
CA PRO A 12 -1.21 -9.60 -5.57
C PRO A 12 -1.68 -8.44 -6.45
N VAL A 13 -0.93 -7.35 -6.42
CA VAL A 13 -1.27 -6.17 -7.22
C VAL A 13 -0.13 -5.16 -7.20
N LEU A 14 0.00 -4.44 -6.10
CA LEU A 14 1.05 -3.43 -5.96
C LEU A 14 1.18 -2.97 -4.52
N SER A 15 2.42 -2.87 -4.03
CA SER A 15 2.66 -2.44 -2.66
C SER A 15 2.22 -0.99 -2.45
N ARG A 16 1.70 -0.70 -1.28
CA ARG A 16 1.23 0.64 -0.95
C ARG A 16 1.09 0.82 0.55
N ARG A 17 1.35 2.04 1.03
CA ARG A 17 1.25 2.33 2.45
C ARG A 17 0.85 3.79 2.68
N LEU A 18 0.10 4.03 3.74
CA LEU A 18 -0.36 5.38 4.07
C LEU A 18 -0.32 5.62 5.58
N GLU A 19 -0.22 6.88 5.97
CA GLU A 19 -0.17 7.24 7.38
C GLU A 19 -0.70 8.67 7.59
N ASN A 20 -0.83 9.06 8.85
CA ASN A 20 -1.31 10.39 9.19
C ASN A 20 -0.36 11.47 8.69
N GLY A 1 -3.39 -1.41 -1.82
CA GLY A 1 -4.71 -0.89 -1.56
C GLY A 1 -4.75 0.62 -1.50
N THR A 2 -5.85 1.17 -1.00
CA THR A 2 -6.01 2.61 -0.90
C THR A 2 -4.72 3.28 -0.43
N ILE A 3 -4.00 2.59 0.45
CA ILE A 3 -2.75 3.12 0.98
C ILE A 3 -1.93 3.81 -0.11
N ASP A 4 -1.17 4.83 0.29
CA ASP A 4 -0.34 5.57 -0.65
C ASP A 4 0.79 4.71 -1.18
N PRO A 5 1.44 5.17 -2.27
CA PRO A 5 2.54 4.45 -2.90
C PRO A 5 3.80 4.47 -2.04
N GLN A 6 3.81 3.64 -1.00
CA GLN A 6 4.96 3.56 -0.10
C GLN A 6 5.32 2.11 0.20
N ASN A 7 4.64 1.19 -0.47
CA ASN A 7 4.88 -0.24 -0.28
C ASN A 7 4.43 -0.68 1.11
N SER A 8 3.60 -1.72 1.15
CA SER A 8 3.09 -2.25 2.41
C SER A 8 2.02 -3.31 2.17
N GLU A 9 1.05 -2.98 1.33
CA GLU A 9 -0.03 -3.91 1.01
C GLU A 9 0.49 -5.34 0.91
N GLU A 10 1.01 -5.69 -0.27
CA GLU A 10 1.54 -7.02 -0.49
C GLU A 10 0.44 -8.07 -0.41
N HIS A 11 -0.81 -7.61 -0.34
CA HIS A 11 -1.95 -8.51 -0.25
C HIS A 11 -2.50 -8.83 -1.64
N PRO A 12 -2.96 -7.80 -2.35
CA PRO A 12 -3.52 -7.95 -3.69
C PRO A 12 -2.46 -8.29 -4.73
N VAL A 13 -1.82 -7.27 -5.28
CA VAL A 13 -0.79 -7.46 -6.29
C VAL A 13 0.31 -6.41 -6.15
N LEU A 14 -0.10 -5.18 -5.91
CA LEU A 14 0.85 -4.07 -5.76
C LEU A 14 1.15 -3.80 -4.29
N SER A 15 1.94 -2.77 -4.03
CA SER A 15 2.31 -2.41 -2.66
C SER A 15 2.02 -0.93 -2.40
N ARG A 16 1.60 -0.63 -1.17
CA ARG A 16 1.29 0.74 -0.78
C ARG A 16 1.15 0.85 0.73
N ARG A 17 1.46 2.04 1.26
CA ARG A 17 1.38 2.28 2.68
C ARG A 17 0.72 3.64 2.97
N LEU A 18 0.08 3.75 4.13
CA LEU A 18 -0.59 4.99 4.51
C LEU A 18 -0.99 4.95 5.98
N GLU A 19 -0.80 6.07 6.67
CA GLU A 19 -1.14 6.16 8.09
C GLU A 19 -1.71 7.54 8.42
N ASN A 20 -2.37 7.65 9.57
CA ASN A 20 -2.95 8.91 9.99
C ASN A 20 -3.90 9.47 8.93
N GLY A 1 -3.59 -1.19 -2.05
CA GLY A 1 -4.88 -0.67 -1.65
C GLY A 1 -4.91 0.84 -1.54
N THR A 2 -5.96 1.37 -0.95
CA THR A 2 -6.10 2.81 -0.78
C THR A 2 -4.78 3.46 -0.37
N ILE A 3 -3.99 2.72 0.42
CA ILE A 3 -2.70 3.21 0.88
C ILE A 3 -1.95 3.91 -0.23
N ASP A 4 -1.08 4.83 0.15
CA ASP A 4 -0.29 5.58 -0.83
C ASP A 4 0.85 4.73 -1.38
N PRO A 5 1.46 5.19 -2.48
CA PRO A 5 2.56 4.49 -3.13
C PRO A 5 3.84 4.50 -2.29
N GLN A 6 3.91 3.60 -1.33
CA GLN A 6 5.08 3.51 -0.46
C GLN A 6 5.39 2.05 -0.10
N ASN A 7 4.71 1.14 -0.78
CA ASN A 7 4.92 -0.29 -0.54
C ASN A 7 4.36 -0.69 0.82
N SER A 8 3.52 -1.72 0.83
CA SER A 8 2.92 -2.21 2.06
C SER A 8 1.79 -3.19 1.77
N GLU A 9 1.10 -2.97 0.66
CA GLU A 9 -0.01 -3.83 0.26
C GLU A 9 0.49 -5.24 -0.06
N GLU A 10 0.64 -6.06 0.98
CA GLU A 10 1.10 -7.43 0.80
C GLU A 10 -0.05 -8.35 0.40
N HIS A 11 -1.22 -7.77 0.22
CA HIS A 11 -2.40 -8.54 -0.17
C HIS A 11 -2.50 -8.64 -1.69
N PRO A 12 -2.79 -7.50 -2.34
CA PRO A 12 -2.92 -7.42 -3.79
C PRO A 12 -1.58 -7.63 -4.51
N VAL A 13 -1.55 -7.28 -5.79
CA VAL A 13 -0.34 -7.42 -6.59
C VAL A 13 0.55 -6.18 -6.47
N LEU A 14 -0.04 -5.08 -5.99
CA LEU A 14 0.69 -3.84 -5.82
C LEU A 14 1.14 -3.66 -4.38
N SER A 15 1.95 -2.63 -4.13
CA SER A 15 2.46 -2.36 -2.79
C SER A 15 2.33 -0.88 -2.46
N ARG A 16 1.41 -0.56 -1.55
CA ARG A 16 1.19 0.82 -1.14
C ARG A 16 1.11 0.94 0.38
N ARG A 17 1.54 2.07 0.91
CA ARG A 17 1.51 2.30 2.35
C ARG A 17 0.91 3.67 2.67
N LEU A 18 0.31 3.77 3.85
CA LEU A 18 -0.32 5.02 4.27
C LEU A 18 -0.56 5.03 5.78
N GLU A 19 -0.36 6.18 6.41
CA GLU A 19 -0.56 6.32 7.84
C GLU A 19 -1.25 7.64 8.18
N ASN A 20 -1.48 7.87 9.47
CA ASN A 20 -2.13 9.09 9.92
C ASN A 20 -1.25 10.31 9.63
N GLY A 1 -3.75 -1.51 -1.92
CA GLY A 1 -5.02 -1.20 -1.29
C GLY A 1 -5.13 0.26 -0.94
N THR A 2 -5.94 0.56 0.08
CA THR A 2 -6.14 1.94 0.51
C THR A 2 -4.87 2.53 1.09
N ILE A 3 -3.93 2.89 0.22
CA ILE A 3 -2.66 3.47 0.65
C ILE A 3 -2.02 4.28 -0.47
N ASP A 4 -0.90 4.92 -0.17
CA ASP A 4 -0.19 5.73 -1.14
C ASP A 4 0.95 4.93 -1.79
N PRO A 5 1.53 5.49 -2.86
CA PRO A 5 2.62 4.86 -3.59
C PRO A 5 3.91 4.83 -2.79
N GLN A 6 3.97 3.95 -1.79
CA GLN A 6 5.15 3.82 -0.94
C GLN A 6 5.47 2.36 -0.65
N ASN A 7 4.70 1.46 -1.26
CA ASN A 7 4.88 0.04 -1.07
C ASN A 7 4.50 -0.39 0.35
N SER A 8 3.70 -1.44 0.46
CA SER A 8 3.26 -1.94 1.76
C SER A 8 2.13 -2.95 1.60
N GLU A 9 1.39 -2.82 0.50
CA GLU A 9 0.28 -3.73 0.22
C GLU A 9 0.78 -5.15 -0.03
N GLU A 10 1.15 -5.84 1.05
CA GLU A 10 1.64 -7.21 0.96
C GLU A 10 0.74 -8.06 0.06
N HIS A 11 -0.56 -7.77 0.11
CA HIS A 11 -1.53 -8.51 -0.70
C HIS A 11 -1.10 -8.55 -2.16
N PRO A 12 -1.71 -9.45 -2.94
CA PRO A 12 -1.40 -9.63 -4.36
C PRO A 12 -1.88 -8.45 -5.20
N VAL A 13 -1.14 -7.34 -5.14
CA VAL A 13 -1.50 -6.14 -5.90
C VAL A 13 -0.45 -5.06 -5.71
N LEU A 14 -0.64 -3.94 -6.41
CA LEU A 14 0.29 -2.82 -6.33
C LEU A 14 0.63 -2.50 -4.88
N SER A 15 1.92 -2.36 -4.59
CA SER A 15 2.38 -2.05 -3.25
C SER A 15 2.18 -0.57 -2.92
N ARG A 16 1.52 -0.29 -1.81
CA ARG A 16 1.25 1.08 -1.39
C ARG A 16 1.24 1.20 0.13
N ARG A 17 1.60 2.37 0.63
CA ARG A 17 1.65 2.61 2.07
C ARG A 17 1.09 3.99 2.41
N LEU A 18 0.40 4.08 3.54
CA LEU A 18 -0.18 5.36 3.97
C LEU A 18 -0.54 5.31 5.45
N GLU A 19 -0.13 6.33 6.19
CA GLU A 19 -0.41 6.40 7.62
C GLU A 19 -1.36 7.56 7.93
N ASN A 20 -1.66 7.74 9.20
CA ASN A 20 -2.56 8.81 9.64
C ASN A 20 -2.13 10.15 9.05
N GLY A 1 -4.37 -1.29 -1.51
CA GLY A 1 -5.56 -0.64 -0.98
C GLY A 1 -5.45 0.87 -1.01
N THR A 2 -6.42 1.54 -0.39
CA THR A 2 -6.43 2.99 -0.34
C THR A 2 -5.05 3.54 -0.03
N ILE A 3 -4.31 2.83 0.82
CA ILE A 3 -2.97 3.25 1.20
C ILE A 3 -2.23 3.87 0.02
N ASP A 4 -1.52 4.96 0.28
CA ASP A 4 -0.76 5.65 -0.76
C ASP A 4 0.10 4.67 -1.55
N PRO A 5 0.62 5.12 -2.69
CA PRO A 5 1.46 4.30 -3.57
C PRO A 5 2.83 4.01 -2.95
N GLN A 6 2.82 3.35 -1.79
CA GLN A 6 4.06 3.03 -1.09
C GLN A 6 4.22 1.50 -0.97
N ASN A 7 4.93 1.08 0.07
CA ASN A 7 5.17 -0.35 0.30
C ASN A 7 4.39 -0.83 1.52
N SER A 8 3.53 -1.82 1.31
CA SER A 8 2.72 -2.37 2.39
C SER A 8 1.67 -3.34 1.85
N GLU A 9 0.79 -2.82 1.00
CA GLU A 9 -0.26 -3.65 0.41
C GLU A 9 0.33 -4.83 -0.35
N GLU A 10 0.67 -5.88 0.39
CA GLU A 10 1.24 -7.08 -0.22
C GLU A 10 0.15 -8.00 -0.74
N HIS A 11 -1.05 -7.89 -0.17
CA HIS A 11 -2.17 -8.71 -0.58
C HIS A 11 -2.40 -8.61 -2.09
N PRO A 12 -2.69 -7.39 -2.56
CA PRO A 12 -2.94 -7.11 -3.98
C PRO A 12 -1.67 -7.25 -4.82
N VAL A 13 -1.78 -6.88 -6.10
CA VAL A 13 -0.65 -6.96 -7.01
C VAL A 13 0.48 -6.04 -6.56
N LEU A 14 0.23 -4.73 -6.64
CA LEU A 14 1.23 -3.74 -6.25
C LEU A 14 1.16 -3.46 -4.75
N SER A 15 2.14 -2.73 -4.25
CA SER A 15 2.19 -2.39 -2.83
C SER A 15 1.67 -0.98 -2.58
N ARG A 16 1.38 -0.68 -1.33
CA ARG A 16 0.87 0.64 -0.95
C ARG A 16 0.79 0.79 0.56
N ARG A 17 1.19 1.94 1.07
CA ARG A 17 1.16 2.21 2.50
C ARG A 17 0.63 3.61 2.78
N LEU A 18 0.18 3.82 4.01
CA LEU A 18 -0.35 5.13 4.41
C LEU A 18 -0.57 5.19 5.92
N GLU A 19 -0.27 6.34 6.51
CA GLU A 19 -0.43 6.53 7.95
C GLU A 19 -1.25 7.78 8.25
N ASN A 20 -1.31 8.15 9.53
CA ASN A 20 -2.06 9.31 9.94
C ASN A 20 -1.35 10.60 9.53
N GLY A 1 -3.68 -1.05 -1.53
CA GLY A 1 -5.03 -0.65 -1.19
C GLY A 1 -5.15 0.85 -0.97
N THR A 2 -6.19 1.27 -0.27
CA THR A 2 -6.42 2.68 0.00
C THR A 2 -5.12 3.38 0.37
N ILE A 3 -4.23 2.65 1.04
CA ILE A 3 -2.94 3.20 1.45
C ILE A 3 -2.31 4.02 0.33
N ASP A 4 -1.64 5.11 0.70
CA ASP A 4 -0.99 5.97 -0.27
C ASP A 4 -0.09 5.17 -1.19
N PRO A 5 0.43 5.82 -2.25
CA PRO A 5 1.31 5.18 -3.22
C PRO A 5 2.69 4.86 -2.63
N GLN A 6 2.72 3.91 -1.69
CA GLN A 6 3.96 3.52 -1.06
C GLN A 6 4.18 2.00 -1.18
N ASN A 7 4.66 1.40 -0.11
CA ASN A 7 4.90 -0.04 -0.09
C ASN A 7 4.35 -0.68 1.18
N SER A 8 3.53 -1.72 1.00
CA SER A 8 2.93 -2.41 2.13
C SER A 8 1.90 -3.44 1.65
N GLU A 9 1.03 -3.01 0.74
CA GLU A 9 0.00 -3.88 0.20
C GLU A 9 0.60 -5.17 -0.35
N GLU A 10 0.80 -6.15 0.52
CA GLU A 10 1.37 -7.43 0.11
C GLU A 10 0.29 -8.36 -0.43
N HIS A 11 -0.95 -7.91 -0.36
CA HIS A 11 -2.08 -8.71 -0.85
C HIS A 11 -2.20 -8.62 -2.36
N PRO A 12 -2.51 -7.42 -2.86
CA PRO A 12 -2.66 -7.18 -4.30
C PRO A 12 -1.32 -7.25 -5.04
N VAL A 13 -1.31 -6.76 -6.28
CA VAL A 13 -0.10 -6.78 -7.09
C VAL A 13 0.77 -5.56 -6.79
N LEU A 14 0.14 -4.41 -6.62
CA LEU A 14 0.87 -3.18 -6.33
C LEU A 14 1.02 -2.98 -4.83
N SER A 15 2.05 -2.24 -4.42
CA SER A 15 2.32 -1.99 -3.02
C SER A 15 1.91 -0.56 -2.64
N ARG A 16 1.45 -0.39 -1.41
CA ARG A 16 1.03 0.92 -0.92
C ARG A 16 1.01 0.95 0.61
N ARG A 17 1.28 2.12 1.18
CA ARG A 17 1.29 2.29 2.62
C ARG A 17 0.74 3.64 3.02
N LEU A 18 0.15 3.72 4.22
CA LEU A 18 -0.41 4.98 4.71
C LEU A 18 -0.42 5.00 6.24
N GLU A 19 -0.13 6.16 6.80
CA GLU A 19 -0.11 6.32 8.26
C GLU A 19 -0.87 7.57 8.68
N ASN A 20 -0.45 8.72 8.16
CA ASN A 20 -1.09 9.98 8.49
C ASN A 20 -2.35 10.19 7.66
N GLY A 1 -3.41 -0.92 -2.48
CA GLY A 1 -4.74 -0.39 -2.22
C GLY A 1 -4.76 1.13 -2.19
N THR A 2 -5.87 1.69 -1.71
CA THR A 2 -6.02 3.13 -1.62
C THR A 2 -4.72 3.79 -1.14
N ILE A 3 -4.01 3.10 -0.26
CA ILE A 3 -2.75 3.61 0.28
C ILE A 3 -1.92 4.26 -0.82
N ASP A 4 -1.05 5.18 -0.42
CA ASP A 4 -0.18 5.87 -1.38
C ASP A 4 0.98 4.98 -1.79
N PRO A 5 1.69 5.38 -2.85
CA PRO A 5 2.83 4.64 -3.38
C PRO A 5 4.03 4.68 -2.44
N GLN A 6 4.08 3.74 -1.51
CA GLN A 6 5.18 3.67 -0.55
C GLN A 6 5.41 2.23 -0.09
N ASN A 7 4.77 1.29 -0.78
CA ASN A 7 4.92 -0.13 -0.45
C ASN A 7 4.29 -0.42 0.92
N SER A 8 3.41 -1.42 0.95
CA SER A 8 2.74 -1.80 2.18
C SER A 8 1.56 -2.74 1.90
N GLU A 9 1.01 -2.64 0.69
CA GLU A 9 -0.10 -3.47 0.29
C GLU A 9 0.33 -4.93 0.14
N GLU A 10 0.56 -5.60 1.27
CA GLU A 10 0.99 -6.98 1.26
C GLU A 10 -0.22 -7.92 1.34
N HIS A 11 -1.14 -7.77 0.40
CA HIS A 11 -2.34 -8.59 0.35
C HIS A 11 -2.78 -8.86 -1.10
N PRO A 12 -3.18 -7.78 -1.78
CA PRO A 12 -3.63 -7.87 -3.18
C PRO A 12 -2.49 -8.17 -4.14
N VAL A 13 -1.81 -7.12 -4.59
CA VAL A 13 -0.68 -7.28 -5.51
C VAL A 13 0.33 -6.16 -5.33
N LEU A 14 -0.02 -4.97 -5.79
CA LEU A 14 0.87 -3.81 -5.68
C LEU A 14 1.26 -3.57 -4.22
N SER A 15 2.08 -2.55 -4.00
CA SER A 15 2.54 -2.21 -2.66
C SER A 15 2.42 -0.71 -2.40
N ARG A 16 1.46 -0.35 -1.56
CA ARG A 16 1.24 1.06 -1.23
C ARG A 16 1.03 1.23 0.28
N ARG A 17 1.38 2.42 0.78
CA ARG A 17 1.25 2.72 2.20
C ARG A 17 0.66 4.11 2.40
N LEU A 18 -0.04 4.29 3.52
CA LEU A 18 -0.66 5.57 3.84
C LEU A 18 -0.97 5.67 5.33
N GLU A 19 -1.37 4.55 5.92
CA GLU A 19 -1.69 4.51 7.34
C GLU A 19 -0.51 4.96 8.19
N ASN A 20 -0.72 5.05 9.50
CA ASN A 20 0.33 5.47 10.41
C ASN A 20 1.58 4.62 10.24
N GLY A 1 -3.46 -1.02 -2.39
CA GLY A 1 -4.79 -0.57 -2.04
C GLY A 1 -4.86 0.93 -1.83
N THR A 2 -5.97 1.40 -1.27
CA THR A 2 -6.16 2.83 -1.03
C THR A 2 -4.86 3.47 -0.53
N ILE A 3 -4.11 2.72 0.27
CA ILE A 3 -2.86 3.22 0.82
C ILE A 3 -2.06 3.98 -0.24
N ASP A 4 -1.22 4.90 0.21
CA ASP A 4 -0.39 5.69 -0.70
C ASP A 4 0.78 4.87 -1.23
N PRO A 5 1.44 5.39 -2.26
CA PRO A 5 2.60 4.72 -2.88
C PRO A 5 3.82 4.70 -1.97
N GLN A 6 3.85 3.76 -1.05
CA GLN A 6 4.96 3.64 -0.12
C GLN A 6 5.28 2.17 0.16
N ASN A 7 4.65 1.28 -0.59
CA ASN A 7 4.86 -0.16 -0.41
C ASN A 7 4.29 -0.63 0.92
N SER A 8 3.44 -1.65 0.85
CA SER A 8 2.82 -2.21 2.05
C SER A 8 1.67 -3.15 1.69
N GLU A 9 1.09 -2.93 0.51
CA GLU A 9 -0.02 -3.76 0.05
C GLU A 9 0.46 -5.18 -0.28
N GLU A 10 0.73 -5.95 0.78
CA GLU A 10 1.19 -7.32 0.61
C GLU A 10 0.01 -8.30 0.60
N HIS A 11 -0.94 -8.06 -0.30
CA HIS A 11 -2.11 -8.92 -0.41
C HIS A 11 -2.57 -9.04 -1.85
N PRO A 12 -3.03 -7.92 -2.43
CA PRO A 12 -3.50 -7.87 -3.82
C PRO A 12 -2.36 -8.03 -4.82
N VAL A 13 -1.72 -6.91 -5.16
CA VAL A 13 -0.61 -6.94 -6.11
C VAL A 13 0.38 -5.82 -5.83
N LEU A 14 0.01 -4.59 -6.18
CA LEU A 14 0.86 -3.43 -5.97
C LEU A 14 1.22 -3.30 -4.49
N SER A 15 2.13 -2.37 -4.20
CA SER A 15 2.57 -2.14 -2.83
C SER A 15 2.40 -0.68 -2.44
N ARG A 16 1.45 -0.41 -1.54
CA ARG A 16 1.19 0.94 -1.08
C ARG A 16 1.03 0.98 0.43
N ARG A 17 1.38 2.12 1.02
CA ARG A 17 1.29 2.29 2.46
C ARG A 17 0.66 3.63 2.82
N LEU A 18 0.00 3.69 3.98
CA LEU A 18 -0.65 4.91 4.42
C LEU A 18 -0.99 4.84 5.91
N GLU A 19 -0.82 5.95 6.61
CA GLU A 19 -1.12 6.01 8.04
C GLU A 19 -1.97 7.23 8.37
N ASN A 20 -1.49 8.40 7.98
CA ASN A 20 -2.22 9.65 8.24
C ASN A 20 -2.67 10.29 6.94
N GLY A 1 -4.40 -2.39 -0.11
CA GLY A 1 -5.51 -1.56 -0.57
C GLY A 1 -5.78 -0.39 0.36
N THR A 2 -6.11 0.76 -0.23
CA THR A 2 -6.38 1.95 0.55
C THR A 2 -5.11 2.51 1.17
N ILE A 3 -4.18 2.94 0.33
CA ILE A 3 -2.91 3.50 0.81
C ILE A 3 -2.19 4.24 -0.30
N ASP A 4 -1.20 5.03 0.08
CA ASP A 4 -0.41 5.81 -0.88
C ASP A 4 0.50 4.88 -1.69
N PRO A 5 1.13 5.45 -2.74
CA PRO A 5 2.04 4.71 -3.61
C PRO A 5 3.35 4.32 -2.90
N GLN A 6 3.22 3.54 -1.84
CA GLN A 6 4.38 3.10 -1.08
C GLN A 6 4.43 1.58 -0.96
N ASN A 7 4.95 1.10 0.16
CA ASN A 7 5.04 -0.34 0.40
C ASN A 7 4.28 -0.74 1.66
N SER A 8 3.44 -1.74 1.55
CA SER A 8 2.65 -2.22 2.68
C SER A 8 1.65 -3.28 2.25
N GLU A 9 0.89 -2.98 1.20
CA GLU A 9 -0.11 -3.91 0.68
C GLU A 9 0.55 -5.21 0.22
N GLU A 10 0.79 -6.12 1.17
CA GLU A 10 1.41 -7.40 0.87
C GLU A 10 0.62 -8.15 -0.20
N HIS A 11 -0.66 -7.82 -0.31
CA HIS A 11 -1.54 -8.46 -1.29
C HIS A 11 -0.87 -8.50 -2.66
N PRO A 12 -1.39 -9.36 -3.55
CA PRO A 12 -0.86 -9.52 -4.91
C PRO A 12 -1.15 -8.30 -5.78
N VAL A 13 -0.77 -7.12 -5.29
CA VAL A 13 -0.98 -5.89 -6.02
C VAL A 13 0.06 -4.84 -5.66
N LEU A 14 0.22 -3.84 -6.53
CA LEU A 14 1.19 -2.78 -6.30
C LEU A 14 1.17 -2.33 -4.85
N SER A 15 2.24 -2.64 -4.12
CA SER A 15 2.35 -2.27 -2.71
C SER A 15 1.94 -0.80 -2.51
N ARG A 16 1.44 -0.50 -1.33
CA ARG A 16 1.02 0.86 -1.01
C ARG A 16 0.91 1.06 0.51
N ARG A 17 1.25 2.25 0.97
CA ARG A 17 1.20 2.57 2.40
C ARG A 17 0.77 4.01 2.62
N LEU A 18 -0.01 4.24 3.67
CA LEU A 18 -0.49 5.58 4.00
C LEU A 18 -0.52 5.79 5.51
N GLU A 19 -0.30 7.03 5.94
CA GLU A 19 -0.31 7.37 7.35
C GLU A 19 -0.51 8.86 7.56
N ASN A 20 -0.66 9.27 8.82
CA ASN A 20 -0.87 10.67 9.14
C ASN A 20 0.44 11.45 9.02
N GLY A 1 -3.54 -1.10 -1.33
CA GLY A 1 -4.93 -0.68 -1.18
C GLY A 1 -5.06 0.81 -0.97
N THR A 2 -6.12 1.21 -0.28
CA THR A 2 -6.36 2.63 0.00
C THR A 2 -5.08 3.34 0.38
N ILE A 3 -4.18 2.62 1.02
CA ILE A 3 -2.90 3.19 1.44
C ILE A 3 -2.27 4.02 0.33
N ASP A 4 -1.34 4.90 0.71
CA ASP A 4 -0.66 5.75 -0.26
C ASP A 4 0.22 4.93 -1.18
N PRO A 5 0.76 5.58 -2.22
CA PRO A 5 1.63 4.92 -3.20
C PRO A 5 2.99 4.55 -2.61
N GLN A 6 2.98 3.66 -1.63
CA GLN A 6 4.20 3.22 -0.97
C GLN A 6 4.34 1.70 -1.03
N ASN A 7 5.03 1.13 -0.05
CA ASN A 7 5.24 -0.31 0.00
C ASN A 7 4.61 -0.90 1.25
N SER A 8 3.73 -1.89 1.05
CA SER A 8 3.05 -2.54 2.17
C SER A 8 2.03 -3.55 1.67
N GLU A 9 1.14 -3.10 0.79
CA GLU A 9 0.11 -3.96 0.25
C GLU A 9 0.72 -5.23 -0.35
N GLU A 10 0.91 -6.24 0.49
CA GLU A 10 1.49 -7.50 0.04
C GLU A 10 0.41 -8.44 -0.48
N HIS A 11 -0.85 -8.02 -0.34
CA HIS A 11 -1.97 -8.83 -0.80
C HIS A 11 -2.13 -8.72 -2.31
N PRO A 12 -2.46 -7.52 -2.79
CA PRO A 12 -2.65 -7.25 -4.22
C PRO A 12 -1.35 -7.32 -5.00
N VAL A 13 -1.37 -6.81 -6.23
CA VAL A 13 -0.18 -6.82 -7.08
C VAL A 13 0.59 -5.51 -6.94
N LEU A 14 -0.05 -4.51 -6.36
CA LEU A 14 0.57 -3.20 -6.17
C LEU A 14 0.80 -2.91 -4.69
N SER A 15 1.98 -2.41 -4.36
CA SER A 15 2.32 -2.10 -2.98
C SER A 15 1.89 -0.68 -2.62
N ARG A 16 1.49 -0.48 -1.37
CA ARG A 16 1.06 0.83 -0.91
C ARG A 16 1.04 0.88 0.62
N ARG A 17 1.28 2.07 1.17
CA ARG A 17 1.30 2.25 2.62
C ARG A 17 0.81 3.66 2.98
N LEU A 18 0.14 3.76 4.13
CA LEU A 18 -0.37 5.04 4.59
C LEU A 18 -0.30 5.13 6.12
N GLU A 19 -0.10 6.34 6.62
CA GLU A 19 -0.01 6.56 8.06
C GLU A 19 -0.97 7.67 8.50
N ASN A 20 -0.99 8.77 7.76
CA ASN A 20 -1.86 9.89 8.07
C ASN A 20 -3.06 9.92 7.13
N GLY A 1 -4.31 -1.19 -0.12
CA GLY A 1 -5.22 -0.55 -1.06
C GLY A 1 -5.22 0.95 -0.91
N THR A 2 -6.30 1.49 -0.35
CA THR A 2 -6.44 2.93 -0.16
C THR A 2 -5.08 3.56 0.17
N ILE A 3 -4.36 2.94 1.09
CA ILE A 3 -3.05 3.45 1.50
C ILE A 3 -2.29 4.01 0.31
N ASP A 4 -1.46 5.02 0.58
CA ASP A 4 -0.66 5.66 -0.47
C ASP A 4 0.19 4.62 -1.20
N PRO A 5 0.83 5.05 -2.30
CA PRO A 5 1.68 4.18 -3.12
C PRO A 5 2.98 3.81 -2.40
N GLN A 6 2.85 3.08 -1.29
CA GLN A 6 4.01 2.66 -0.52
C GLN A 6 4.01 1.15 -0.33
N ASN A 7 4.83 0.68 0.60
CA ASN A 7 4.94 -0.75 0.88
C ASN A 7 4.20 -1.10 2.17
N SER A 8 3.23 -2.01 2.05
CA SER A 8 2.45 -2.44 3.21
C SER A 8 1.39 -3.45 2.80
N GLU A 9 0.49 -3.03 1.91
CA GLU A 9 -0.58 -3.90 1.44
C GLU A 9 -0.03 -5.28 1.06
N GLU A 10 1.10 -5.29 0.38
CA GLU A 10 1.72 -6.55 -0.04
C GLU A 10 0.78 -7.36 -0.93
N HIS A 11 -0.26 -6.70 -1.44
CA HIS A 11 -1.22 -7.36 -2.30
C HIS A 11 -0.52 -8.07 -3.46
N PRO A 12 -1.25 -8.99 -4.11
CA PRO A 12 -0.72 -9.77 -5.23
C PRO A 12 -0.51 -8.91 -6.48
N VAL A 13 -0.95 -7.66 -6.41
CA VAL A 13 -0.81 -6.74 -7.53
C VAL A 13 0.24 -5.67 -7.24
N LEU A 14 0.08 -5.00 -6.10
CA LEU A 14 1.01 -3.95 -5.70
C LEU A 14 0.91 -3.69 -4.20
N SER A 15 1.84 -2.89 -3.69
CA SER A 15 1.87 -2.56 -2.27
C SER A 15 1.48 -1.10 -2.03
N ARG A 16 0.91 -0.82 -0.86
CA ARG A 16 0.49 0.53 -0.52
C ARG A 16 0.57 0.75 0.99
N ARG A 17 0.90 1.98 1.38
CA ARG A 17 1.02 2.33 2.79
C ARG A 17 0.61 3.77 3.03
N LEU A 18 0.05 4.04 4.20
CA LEU A 18 -0.39 5.38 4.56
C LEU A 18 -0.49 5.54 6.07
N GLU A 19 -0.10 6.72 6.56
CA GLU A 19 -0.14 7.00 7.99
C GLU A 19 -0.81 8.34 8.27
N ASN A 20 -1.18 8.56 9.52
CA ASN A 20 -1.85 9.81 9.92
C ASN A 20 -1.03 11.02 9.46
N GLY A 1 -4.23 -1.68 -0.61
CA GLY A 1 -5.35 -1.03 0.03
C GLY A 1 -5.36 0.47 -0.20
N THR A 2 -6.33 1.16 0.41
CA THR A 2 -6.44 2.60 0.26
C THR A 2 -5.08 3.28 0.41
N ILE A 3 -4.23 2.70 1.24
CA ILE A 3 -2.89 3.26 1.47
C ILE A 3 -2.29 3.79 0.17
N ASP A 4 -1.47 4.82 0.28
CA ASP A 4 -0.82 5.41 -0.89
C ASP A 4 0.03 4.38 -1.61
N PRO A 5 0.55 4.76 -2.79
CA PRO A 5 1.39 3.89 -3.62
C PRO A 5 2.76 3.66 -3.00
N GLN A 6 2.77 3.02 -1.83
CA GLN A 6 4.03 2.74 -1.12
C GLN A 6 4.15 1.26 -0.82
N ASN A 7 5.07 0.93 0.08
CA ASN A 7 5.28 -0.47 0.47
C ASN A 7 4.57 -0.78 1.79
N SER A 8 3.75 -1.82 1.77
CA SER A 8 3.01 -2.23 2.96
C SER A 8 1.98 -3.30 2.62
N GLU A 9 1.08 -2.98 1.69
CA GLU A 9 0.04 -3.91 1.28
C GLU A 9 0.65 -5.15 0.62
N GLU A 10 1.05 -6.12 1.44
CA GLU A 10 1.64 -7.35 0.93
C GLU A 10 0.82 -7.92 -0.22
N HIS A 11 -0.48 -7.66 -0.21
CA HIS A 11 -1.37 -8.14 -1.25
C HIS A 11 -0.79 -7.87 -2.63
N PRO A 12 -1.31 -8.58 -3.64
CA PRO A 12 -0.86 -8.43 -5.03
C PRO A 12 -1.25 -7.09 -5.63
N VAL A 13 -0.87 -6.88 -6.89
CA VAL A 13 -1.19 -5.63 -7.58
C VAL A 13 -0.45 -4.45 -6.94
N LEU A 14 0.87 -4.56 -6.87
CA LEU A 14 1.69 -3.51 -6.29
C LEU A 14 1.36 -3.31 -4.80
N SER A 15 2.31 -2.76 -4.06
CA SER A 15 2.12 -2.52 -2.64
C SER A 15 1.59 -1.10 -2.39
N ARG A 16 1.15 -0.86 -1.16
CA ARG A 16 0.63 0.46 -0.79
C ARG A 16 0.84 0.73 0.70
N ARG A 17 1.15 1.98 1.02
CA ARG A 17 1.38 2.38 2.41
C ARG A 17 0.91 3.80 2.65
N LEU A 18 0.43 4.06 3.86
CA LEU A 18 -0.06 5.39 4.22
C LEU A 18 -0.12 5.55 5.74
N GLU A 19 0.31 6.72 6.22
CA GLU A 19 0.30 7.00 7.65
C GLU A 19 -0.61 8.19 7.96
N ASN A 20 -0.64 8.58 9.23
CA ASN A 20 -1.46 9.69 9.67
C ASN A 20 -1.17 10.94 8.85
#